data_7EUC
#
_entry.id   7EUC
#
loop_
_entity.id
_entity.type
_entity.pdbx_description
1 polymer "DNA (5'-D(*TP*TP*GP*GP*GP*G)-3')"
2 polymer "DNA (5'-D(P*GP*GP*GP*G)-3')"
3 polymer "DNA (5'-D(P*GP*GP*GP*GP*T)-3')"
4 non-polymer O-PHOSPHOETHANOLAMINE
#
loop_
_entity_poly.entity_id
_entity_poly.type
_entity_poly.pdbx_seq_one_letter_code
_entity_poly.pdbx_strand_id
1 'polydeoxyribonucleotide' (DT)(DT)(DG)(DG)(DG)(DG) A
2 'polydeoxyribonucleotide' (DG)(DG)(DG)(DG) B,C
3 'polydeoxyribonucleotide' (DG)(DG)(DG)(DG)(DT) D
#
loop_
_chem_comp.id
_chem_comp.type
_chem_comp.name
_chem_comp.formula
DG DNA linking 2'-DEOXYGUANOSINE-5'-MONOPHOSPHATE 'C10 H14 N5 O7 P'
DT DNA linking THYMIDINE-5'-MONOPHOSPHATE 'C10 H15 N2 O8 P'
PSE non-polymer O-PHOSPHOETHANOLAMINE 'C3 H10 N O5 P'
#
# COMPACT_ATOMS: atom_id res chain seq x y z
N2 PSE E . 2.45 8.10 -7.75
C2 PSE E . 2.60 7.73 -9.23
C1 PSE E . 3.45 8.79 -9.93
O1 PSE E . 2.94 10.10 -9.72
C3 PSE E . 1.23 7.67 -9.89
O1P PSE E . 0.28 7.01 -9.06
O2P PSE E . -0.98 6.12 -11.04
O3P PSE E . -1.82 5.68 -8.66
P PSE E . -1.16 6.57 -9.64
HN21 PSE E . 2.78 7.47 -7.04
HN22 PSE E . 2.04 8.99 -7.49
H2 PSE E . 3.08 6.76 -9.32
H11 PSE E . 4.47 8.74 -9.53
H12 PSE E . 3.49 8.57 -10.99
H31 PSE E . 0.88 8.68 -10.09
H32 PSE E . 1.30 7.13 -10.84
N2 PSE F . 5.20 14.10 -8.19
C2 PSE F . 5.37 12.97 -7.19
C1 PSE F . 6.85 12.67 -7.00
O1 PSE F . 7.36 13.25 -5.79
C3 PSE F . 4.64 11.72 -7.68
O1P PSE F . 4.96 11.44 -9.05
O2P PSE F . 4.42 11.11 -11.47
O3P PSE F . 2.95 12.60 -9.99
P PSE F . 3.79 11.39 -10.16
HN21 PSE F . 5.24 15.06 -7.89
HN22 PSE F . 5.12 13.89 -9.18
H2 PSE F . 4.94 13.28 -6.23
H11 PSE F . 7.00 11.59 -6.95
H12 PSE F . 7.41 13.07 -7.85
H31 PSE F . 3.56 11.88 -7.59
H32 PSE F . 4.93 10.87 -7.06
N2 PSE G . 0.45 -7.17 -1.64
C2 PSE G . -0.21 -8.24 -2.50
C1 PSE G . 0.59 -8.42 -3.80
O1 PSE G . 1.51 -9.51 -3.70
C3 PSE G . -1.64 -7.83 -2.83
O1P PSE G . -1.79 -7.53 -4.22
O2P PSE G . -4.04 -8.64 -4.28
O3P PSE G . -3.07 -7.53 -6.37
P PSE G . -3.25 -7.56 -4.90
HN21 PSE G . 0.48 -6.22 -1.96
HN22 PSE G . 0.82 -7.41 -0.73
H2 PSE G . -0.23 -9.19 -1.96
H11 PSE G . -0.10 -8.61 -4.62
H12 PSE G . 1.15 -7.51 -3.99
H31 PSE G . -1.89 -6.94 -2.25
H32 PSE G . -2.31 -8.65 -2.56
N2 PSE H . 5.43 -7.06 -5.85
C2 PSE H . 5.28 -7.25 -4.35
C1 PSE H . 6.68 -7.43 -3.73
O1 PSE H . 7.51 -6.30 -3.98
C3 PSE H . 4.44 -8.50 -4.06
O1P PSE H . 3.45 -8.70 -5.06
O2P PSE H . 3.18 -11.14 -4.60
O3P PSE H . 1.57 -9.93 -6.17
P PSE H . 2.42 -9.93 -4.96
HN21 PSE H . 6.32 -7.23 -6.30
HN22 PSE H . 4.62 -6.83 -6.41
H2 PSE H . 4.80 -6.39 -3.91
H11 PSE H . 7.14 -8.32 -4.14
H12 PSE H . 6.55 -7.56 -2.65
H31 PSE H . 5.10 -9.36 -4.03
H32 PSE H . 3.96 -8.38 -3.10
N2 PSE I . -9.98 -0.62 11.85
C2 PSE I . -8.74 -1.00 11.03
C1 PSE I . -7.90 -1.99 11.82
O1 PSE I . -6.69 -2.33 11.12
C3 PSE I . -7.93 0.26 10.73
O1P PSE I . -8.08 0.66 9.36
O2P PSE I . -9.43 1.59 7.46
O3P PSE I . -10.49 1.21 9.76
P PSE I . -9.55 0.79 8.70
HN21 PSE I . -10.67 -1.32 12.07
HN22 PSE I . -10.05 0.31 12.24
H2 PSE I . -9.06 -1.46 10.09
H11 PSE I . -7.64 -1.56 12.78
H12 PSE I . -8.48 -2.90 11.99
H31 PSE I . -8.26 1.06 11.38
H32 PSE I . -6.87 0.05 10.92
N2 PSE J . -3.14 -4.89 12.41
C2 PSE J . -2.81 -3.54 13.06
C1 PSE J . -1.63 -3.72 14.00
O1 PSE J . -0.99 -2.47 14.30
C3 PSE J . -4.02 -3.06 13.85
O1P PSE J . -5.02 -2.49 12.98
O2P PSE J . -6.38 -4.50 12.34
O3P PSE J . -4.56 -3.59 10.78
P PSE J . -5.64 -3.36 11.77
HN21 PSE J . -3.40 -4.93 11.44
HN22 PSE J . -3.08 -5.74 12.94
H2 PSE J . -2.56 -2.82 12.30
H11 PSE J . -0.89 -4.38 13.54
H12 PSE J . -1.97 -4.16 14.94
H31 PSE J . -3.70 -2.30 14.56
H32 PSE J . -4.46 -3.90 14.39
N2 PSE E . 3.01 6.77 -9.28
C2 PSE E . 2.58 8.20 -9.59
C1 PSE E . 2.75 9.06 -8.35
O1 PSE E . 2.74 10.46 -8.68
C3 PSE E . 1.12 8.21 -10.02
O1P PSE E . 0.32 7.37 -9.19
O2P PSE E . -1.02 6.45 -11.09
O3P PSE E . -1.67 5.94 -8.67
P PSE E . -1.13 6.88 -9.68
HN21 PSE E . 3.78 6.60 -8.65
HN22 PSE E . 2.55 5.99 -9.73
H2 PSE E . 3.20 8.59 -10.40
H11 PSE E . 1.94 8.85 -7.66
H12 PSE E . 3.70 8.82 -7.88
H31 PSE E . 0.75 9.23 -9.98
H32 PSE E . 1.05 7.85 -11.06
N2 PSE F . 6.92 13.73 -7.36
C2 PSE F . 6.52 12.34 -6.89
C1 PSE F . 7.53 11.32 -7.43
O1 PSE F . 8.46 10.92 -6.43
C3 PSE F . 5.13 12.01 -7.38
O1P PSE F . 5.15 11.14 -8.52
O2P PSE F . 4.26 10.16 -10.65
O3P PSE F . 3.55 12.50 -9.87
P PSE F . 3.92 11.10 -9.55
HN21 PSE F . 6.91 14.51 -6.71
HN22 PSE F . 7.16 13.89 -8.32
H2 PSE F . 6.53 12.31 -5.79
H11 PSE F . 8.06 11.77 -8.27
H12 PSE F . 6.98 10.44 -7.79
H31 PSE F . 4.61 12.93 -7.65
H32 PSE F . 4.56 11.52 -6.58
N2 PSE G . -0.37 -9.26 -4.87
C2 PSE G . -0.35 -7.85 -4.29
C1 PSE G . 1.10 -7.42 -4.05
O1 PSE G . 1.91 -7.64 -5.20
C3 PSE G . -1.12 -7.81 -2.97
O1P PSE G . -1.83 -6.58 -2.80
O2P PSE G . -3.95 -5.34 -2.31
O3P PSE G . -3.98 -7.85 -2.83
P PSE G . -3.42 -6.50 -3.06
HN21 PSE G . -0.56 -10.05 -4.26
HN22 PSE G . -0.18 -9.40 -5.85
H2 PSE G . -0.82 -7.16 -4.99
H11 PSE G . 1.12 -6.35 -3.80
H12 PSE G . 1.50 -7.99 -3.21
H31 PSE G . -0.42 -7.95 -2.15
H32 PSE G . -1.84 -8.64 -2.96
N2 PSE H . 7.05 -4.67 -5.77
C2 PSE H . 5.74 -4.59 -4.99
C1 PSE H . 5.84 -5.44 -3.73
O1 PSE H . 6.76 -4.87 -2.78
C3 PSE H . 4.60 -5.10 -5.86
O1P PSE H . 3.61 -5.79 -5.09
O2P PSE H . 4.00 -7.95 -3.87
O3P PSE H . 4.08 -7.86 -6.43
P PSE H . 3.50 -7.40 -5.14
HN21 PSE H . 7.92 -4.50 -5.29
HN22 PSE H . 7.04 -4.86 -6.75
H2 PSE H . 5.54 -3.55 -4.72
H11 PSE H . 6.18 -6.43 -4.00
H12 PSE H . 4.85 -5.51 -3.26
H31 PSE H . 4.12 -4.26 -6.37
H32 PSE H . 5.00 -5.78 -6.61
N2 PSE I . -7.62 -3.36 12.91
C2 PSE I . -7.68 -2.85 11.48
C1 PSE I . -6.28 -2.46 11.02
O1 PSE I . -5.63 -3.54 10.36
C3 PSE I . -8.59 -1.62 11.41
O1P PSE I . -8.87 -1.25 10.05
O2P PSE I . -11.25 -0.48 10.21
O3P PSE I . -10.69 -2.83 9.38
P PSE I . -10.36 -1.39 9.46
HN21 PSE I . -7.73 -4.36 13.09
HN22 PSE I . -7.50 -2.72 13.68
H2 PSE I . -8.08 -3.62 10.82
H11 PSE I . -6.34 -1.61 10.34
H12 PSE I . -5.68 -2.18 11.89
H31 PSE I . -9.53 -1.85 11.91
H32 PSE I . -8.10 -0.79 11.92
N2 PSE J . -2.30 -6.74 11.96
C2 PSE J . -2.24 -5.45 11.15
C1 PSE J . -0.78 -5.03 10.99
O1 PSE J . -0.02 -5.28 12.18
C3 PSE J . -3.00 -4.35 11.90
O1P PSE J . -3.23 -3.22 11.05
O2P PSE J . -3.77 -4.61 9.04
O3P PSE J . -4.11 -2.07 9.01
P PSE J . -4.15 -3.35 9.73
HN21 PSE J . -3.06 -6.89 12.60
HN22 PSE J . -1.57 -7.42 11.86
H2 PSE J . -2.69 -5.60 10.18
H11 PSE J . -0.73 -3.96 10.76
H12 PSE J . -0.34 -5.59 10.17
H31 PSE J . -2.41 -4.03 12.76
H32 PSE J . -3.95 -4.75 12.24
N2 PSE E . 3.04 7.53 -8.39
C2 PSE E . 3.12 8.83 -9.19
C1 PSE E . 2.96 10.01 -8.23
O1 PSE E . 3.22 11.26 -8.89
C3 PSE E . 1.98 8.86 -10.21
O1P PSE E . 0.76 8.33 -9.68
O2P PSE E . -0.95 9.69 -10.91
O3P PSE E . -0.36 7.32 -11.68
P PSE E . -0.56 8.29 -10.58
HN21 PSE E . 3.00 6.65 -8.87
HN22 PSE E . 2.99 7.56 -7.38
H2 PSE E . 4.07 8.90 -9.69
H11 PSE E . 1.94 10.03 -7.83
H12 PSE E . 3.67 9.90 -7.40
H31 PSE E . 1.82 9.89 -10.53
H32 PSE E . 2.28 8.27 -11.08
N2 PSE F . 4.20 14.25 -5.24
C2 PSE F . 4.96 13.08 -5.85
C1 PSE F . 6.36 13.00 -5.22
O1 PSE F . 6.32 13.32 -3.82
C3 PSE F . 5.08 13.27 -7.36
O1P PSE F . 5.43 12.05 -8.02
O2P PSE F . 5.35 10.39 -9.89
O3P PSE F . 4.62 12.82 -10.26
P PSE F . 4.70 11.63 -9.38
HN21 PSE F . 3.99 14.27 -4.25
HN22 PSE F . 3.89 15.01 -5.83
H2 PSE F . 4.42 12.15 -5.64
H11 PSE F . 7.01 13.70 -5.73
H12 PSE F . 6.74 11.99 -5.35
H31 PSE F . 5.84 14.02 -7.56
H32 PSE F . 4.13 13.62 -7.74
N2 PSE G . 0.86 -6.24 -1.96
C2 PSE G . 0.85 -7.65 -2.55
C1 PSE G . 1.50 -7.62 -3.94
O1 PSE G . 1.80 -6.28 -4.35
C3 PSE G . -0.59 -8.14 -2.66
O1P PSE G . -1.46 -7.13 -3.19
O2P PSE G . -3.47 -8.60 -3.45
O3P PSE G . -2.20 -7.74 -5.50
P PSE G . -2.70 -7.53 -4.13
HN21 PSE G . -0.01 -5.82 -1.64
HN22 PSE G . 1.71 -5.71 -1.94
H2 PSE G . 1.41 -8.31 -1.90
H11 PSE G . 2.43 -8.18 -3.90
H12 PSE G . 0.84 -8.07 -4.66
H31 PSE G . -0.95 -8.44 -1.67
H32 PSE G . -0.62 -9.01 -3.32
N2 PSE H . 6.31 -5.38 -6.71
C2 PSE H . 5.66 -4.71 -5.49
C1 PSE H . 6.76 -4.08 -4.63
O1 PSE H . 7.90 -4.92 -4.52
C3 PSE H . 4.91 -5.76 -4.67
O1P PSE H . 4.02 -6.53 -5.50
O2P PSE H . 1.90 -6.88 -6.78
O3P PSE H . 2.56 -4.54 -5.98
P PSE H . 2.52 -6.00 -5.76
HN21 PSE H . 6.05 -5.09 -7.63
HN22 PSE H . 7.01 -6.09 -6.58
H2 PSE H . 4.97 -3.95 -5.82
H11 PSE H . 6.35 -3.89 -3.63
H12 PSE H . 7.05 -3.13 -5.07
H31 PSE H . 5.63 -6.44 -4.21
H32 PSE H . 4.34 -5.26 -3.90
N2 PSE I . -8.13 1.83 12.69
C2 PSE I . -8.09 0.41 12.13
C1 PSE I . -6.65 -0.05 12.01
O1 PSE I . -6.56 -1.40 11.53
C3 PSE I . -8.75 0.38 10.77
O1P PSE I . -9.06 -0.94 10.35
O2P PSE I . -11.53 -0.49 10.26
O3P PSE I . -10.58 -2.75 9.50
P PSE I . -10.45 -1.27 9.61
HN21 PSE I . -7.74 2.02 13.61
HN22 PSE I . -8.58 2.56 12.18
H2 PSE I . -8.63 -0.25 12.80
H11 PSE I . -6.12 0.61 11.32
H12 PSE I . -6.17 0.00 12.99
H31 PSE I . -9.67 0.96 10.80
H32 PSE I . -8.08 0.83 10.03
N2 PSE J . -4.55 -2.32 15.75
C2 PSE J . -3.91 -3.17 14.66
C1 PSE J . -2.47 -2.71 14.44
O1 PSE J . -1.54 -3.47 15.21
C3 PSE J . -4.70 -3.02 13.37
O1P PSE J . -6.07 -2.70 13.62
O2P PSE J . -8.44 -2.21 12.97
O3P PSE J . -7.01 -3.86 11.62
P PSE J . -7.13 -2.62 12.41
HN21 PSE J . -5.54 -2.15 15.74
HN22 PSE J . -3.99 -1.99 16.53
H2 PSE J . -3.90 -4.21 14.96
H11 PSE J . -2.39 -1.66 14.73
H12 PSE J . -2.22 -2.80 13.38
H31 PSE J . -4.65 -3.97 12.82
H32 PSE J . -4.26 -2.23 12.76
N2 PSE E . 3.47 6.99 -7.96
C2 PSE E . 3.04 7.69 -9.25
C1 PSE E . 3.15 9.21 -9.06
O1 PSE E . 4.51 9.61 -8.85
C3 PSE E . 1.59 7.32 -9.57
O1P PSE E . 0.78 8.49 -9.73
O2P PSE E . -1.01 9.81 -10.89
O3P PSE E . -0.39 7.46 -11.69
P PSE E . -0.58 8.42 -10.58
HN21 PSE E . 2.95 7.15 -7.10
HN22 PSE E . 4.25 6.34 -7.97
H2 PSE E . 3.68 7.38 -10.07
H11 PSE E . 2.77 9.70 -9.96
H12 PSE E . 2.55 9.50 -8.21
H31 PSE E . 1.58 6.75 -10.50
H32 PSE E . 1.19 6.72 -8.76
N2 PSE F . 4.91 13.92 -6.00
C2 PSE F . 4.70 12.61 -5.25
C1 PSE F . 5.71 12.49 -4.12
O1 PSE F . 6.98 13.02 -4.51
C3 PSE F . 4.85 11.44 -6.21
O1P PSE F . 4.23 11.70 -7.48
O2P PSE F . 6.38 11.28 -8.70
O3P PSE F . 4.22 11.83 -9.97
P PSE F . 4.91 11.17 -8.84
HN21 PSE F . 4.40 14.11 -6.85
HN22 PSE F . 5.60 14.58 -5.67
H2 PSE F . 3.69 12.59 -4.83
H11 PSE F . 5.84 11.44 -3.86
H12 PSE F . 5.35 13.03 -3.25
H31 PSE F . 4.39 10.54 -5.77
H32 PSE F . 5.92 11.24 -6.36
N2 PSE G . 0.15 -9.12 -1.38
C2 PSE G . -0.62 -9.13 -2.69
C1 PSE G . 0.36 -9.35 -3.85
O1 PSE G . 0.84 -8.11 -4.39
C3 PSE G . -1.33 -7.79 -2.88
O1P PSE G . -1.56 -7.51 -4.26
O2P PSE G . -3.75 -8.72 -4.21
O3P PSE G . -2.93 -7.60 -6.36
P PSE G . -3.04 -7.61 -4.88
HN21 PSE G . -0.35 -9.08 -0.50
HN22 PSE G . 1.16 -9.21 -1.38
H2 PSE G . -1.35 -9.92 -2.69
H11 PSE G . 1.21 -9.93 -3.49
H12 PSE G . -0.14 -9.91 -4.64
H31 PSE G . -0.72 -7.00 -2.45
H32 PSE G . -2.29 -7.82 -2.36
N2 PSE H . 5.20 -6.54 -6.16
C2 PSE H . 4.97 -6.88 -4.69
C1 PSE H . 6.29 -7.33 -4.07
O1 PSE H . 7.33 -6.37 -4.32
C3 PSE H . 3.95 -8.02 -4.59
O1P PSE H . 3.14 -7.89 -3.42
O2P PSE H . 1.92 -5.87 -4.25
O3P PSE H . 1.15 -7.08 -2.13
P PSE H . 1.72 -7.12 -3.50
HN21 PSE H . 4.48 -6.06 -6.68
HN22 PSE H . 6.05 -6.82 -6.63
H2 PSE H . 4.59 -6.02 -4.17
H11 PSE H . 6.58 -8.29 -4.49
H12 PSE H . 6.15 -7.43 -2.99
H31 PSE H . 3.32 -8.01 -5.47
H32 PSE H . 4.49 -8.97 -4.55
N2 PSE I . -8.34 -0.44 12.58
C2 PSE I . -7.85 -1.83 12.18
C1 PSE I . -6.48 -1.71 11.52
O1 PSE I . -6.12 -2.91 10.82
C3 PSE I . -8.83 -2.48 11.22
O1P PSE I . -9.06 -1.65 10.07
O2P PSE I . -11.29 -0.54 10.28
O3P PSE I . -11.08 -2.85 9.20
P PSE I . -10.54 -1.49 9.45
HN21 PSE I . -9.04 -0.35 13.30
HN22 PSE I . -7.93 0.38 12.16
H2 PSE I . -7.76 -2.45 13.07
H11 PSE I . -6.50 -0.89 10.81
H12 PSE I . -5.73 -1.51 12.28
H31 PSE I . -8.44 -3.44 10.90
H32 PSE I . -9.78 -2.62 11.73
N2 PSE J . -3.22 -6.20 12.93
C2 PSE J . -2.65 -5.24 11.89
C1 PSE J . -1.17 -5.00 12.16
O1 PSE J . -0.87 -5.11 13.55
C3 PSE J . -3.40 -3.91 11.96
O1P PSE J . -4.70 -4.07 12.54
O2P PSE J . -7.17 -4.46 12.49
O3P PSE J . -5.66 -5.36 10.63
P PSE J . -5.99 -4.31 11.60
HN21 PSE J . -3.71 -7.02 12.63
HN22 PSE J . -3.10 -6.00 13.91
H2 PSE J . -2.78 -5.66 10.89
H11 PSE J . -0.90 -4.01 11.81
H12 PSE J . -0.59 -5.75 11.62
H31 PSE J . -3.51 -3.49 10.96
H32 PSE J . -2.83 -3.20 12.57
N2 PSE E . 3.26 8.93 -8.59
C2 PSE E . 3.04 8.21 -9.92
C1 PSE E . 4.25 8.43 -10.82
O1 PSE E . 5.47 8.19 -10.12
C3 PSE E . 1.79 8.75 -10.60
O1P PSE E . 0.59 8.25 -9.98
O2P PSE E . -1.12 9.75 -11.00
O3P PSE E . -0.78 7.38 -11.88
P PSE E . -0.82 8.33 -10.75
HN21 PSE E . 2.93 8.51 -7.73
HN22 PSE E . 3.75 9.81 -8.57
H2 PSE E . 2.92 7.14 -9.73
H11 PSE E . 4.20 7.76 -11.67
H12 PSE E . 4.24 9.47 -11.17
H31 PSE E . 1.79 9.83 -10.53
H32 PSE E . 1.80 8.45 -11.65
N2 PSE F . 9.21 8.74 -8.38
C2 PSE F . 8.98 10.19 -8.78
C1 PSE F . 9.53 11.10 -7.67
O1 PSE F . 8.57 11.30 -6.63
C3 PSE F . 7.49 10.44 -8.95
O1P PSE F . 7.06 10.14 -10.29
O2P PSE F . 7.95 7.80 -10.14
O3P PSE F . 6.74 8.61 -12.25
P PSE F . 6.88 8.61 -10.77
HN21 PSE F . 10.12 8.32 -8.52
HN22 PSE F . 8.43 8.16 -8.10
H2 PSE F . 9.49 10.40 -9.71
H11 PSE F . 9.78 12.07 -8.12
H12 PSE F . 10.43 10.65 -7.26
H31 PSE F . 7.27 11.48 -8.74
H32 PSE F . 6.93 9.81 -8.25
N2 PSE G . 0.24 -6.40 -2.43
C2 PSE G . 0.30 -7.90 -2.75
C1 PSE G . 1.66 -8.24 -3.36
O1 PSE G . 1.59 -9.39 -4.19
C3 PSE G . -0.80 -8.25 -3.75
O1P PSE G . -1.84 -7.26 -3.76
O2P PSE G . -3.98 -8.54 -3.96
O3P PSE G . -2.79 -7.61 -6.04
P PSE G . -3.18 -7.48 -4.62
HN21 PSE G . 0.73 -5.74 -3.03
HN22 PSE G . -0.26 -6.08 -1.63
H2 PSE G . 0.15 -8.48 -1.84
H11 PSE G . 2.01 -7.39 -3.95
H12 PSE G . 2.37 -8.43 -2.55
H31 PSE G . -1.23 -9.21 -3.47
H32 PSE G . -0.38 -8.32 -4.75
N2 PSE H . 6.16 -9.82 -5.77
C2 PSE H . 5.88 -8.61 -4.91
C1 PSE H . 7.18 -8.12 -4.26
O1 PSE H . 7.05 -7.98 -2.85
C3 PSE H . 4.89 -8.98 -3.82
O1P PSE H . 4.03 -10.03 -4.23
O2P PSE H . 2.44 -11.01 -5.91
O3P PSE H . 3.08 -8.53 -6.00
P PSE H . 2.78 -9.75 -5.22
HN21 PSE H . 7.11 -10.06 -6.03
HN22 PSE H . 5.40 -10.40 -6.09
H2 PSE H . 5.46 -7.80 -5.52
H11 PSE H . 7.45 -7.16 -4.70
H12 PSE H . 7.97 -8.84 -4.48
H31 PSE H . 5.43 -9.29 -2.92
H32 PSE H . 4.28 -8.11 -3.57
N2 PSE I . -8.39 -3.93 11.79
C2 PSE I . -7.47 -2.71 11.94
C1 PSE I . -6.84 -2.72 13.32
O1 PSE I . -6.47 -1.40 13.74
C3 PSE I . -8.29 -1.43 11.75
O1P PSE I . -8.52 -1.15 10.37
O2P PSE I . -10.82 -0.20 10.56
O3P PSE I . -10.45 -2.55 9.61
P PSE I . -10.00 -1.14 9.77
HN21 PSE I . -8.79 -4.15 10.89
HN22 PSE I . -8.65 -4.47 12.61
H2 PSE I . -6.69 -2.75 11.17
H11 PSE I . -7.56 -3.13 14.04
H12 PSE I . -5.95 -3.36 13.31
H31 PSE I . -9.24 -1.55 12.25
H32 PSE I . -7.74 -0.60 12.20
N2 PSE J . -4.09 -5.23 13.94
C2 PSE J . -3.50 -3.85 14.26
C1 PSE J . -2.04 -4.03 14.67
O1 PSE J . -1.35 -2.77 14.72
C3 PSE J . -4.28 -3.20 15.39
O1P PSE J . -4.45 -1.80 15.18
O2P PSE J . -5.75 0.33 15.40
O3P PSE J . -6.75 -1.90 16.18
P PSE J . -5.91 -1.13 15.22
HN21 PSE J . -3.50 -5.97 13.62
HN22 PSE J . -5.07 -5.40 14.14
H2 PSE J . -3.56 -3.22 13.38
H11 PSE J . -1.54 -4.67 13.95
H12 PSE J . -1.99 -4.49 15.66
H31 PSE J . -3.76 -3.37 16.33
H32 PSE J . -5.27 -3.67 15.45
N2 PSE E . 2.10 9.66 -8.45
C2 PSE E . 2.54 9.23 -9.84
C1 PSE E . 3.53 10.25 -10.40
O1 PSE E . 4.89 9.86 -10.16
C3 PSE E . 1.33 9.15 -10.76
O1P PSE E . 0.19 8.58 -10.08
O2P PSE E . -1.71 9.87 -11.07
O3P PSE E . -1.13 7.52 -11.93
P PSE E . -1.23 8.48 -10.81
HN21 PSE E . 2.02 10.63 -8.22
HN22 PSE E . 1.91 8.96 -7.74
H2 PSE E . 3.02 8.26 -9.80
H11 PSE E . 3.37 10.36 -11.47
H12 PSE E . 3.36 11.21 -9.91
H31 PSE E . 1.07 10.15 -11.11
H32 PSE E . 1.56 8.53 -11.62
N2 PSE F . 7.02 14.21 -8.42
C2 PSE F . 6.43 13.17 -7.47
C1 PSE F . 7.37 12.99 -6.27
O1 PSE F . 8.75 13.11 -6.67
C3 PSE F . 6.27 11.85 -8.19
O1P PSE F . 6.00 12.04 -9.58
O2P PSE F . 7.38 10.08 -10.34
O3P PSE F . 5.83 11.31 -11.97
P PSE F . 6.11 10.81 -10.62
HN21 PSE F . 6.67 14.28 -9.36
HN22 PSE F . 7.81 14.77 -8.13
H2 PSE F . 5.47 13.52 -7.11
H11 PSE F . 7.21 12.01 -5.84
H12 PSE F . 7.15 13.75 -5.52
H31 PSE F . 5.44 11.30 -7.74
H32 PSE F . 7.18 11.26 -8.08
N2 PSE G . 0.04 -6.32 -1.42
C2 PSE G . -0.13 -7.57 -2.26
C1 PSE G . 0.80 -7.51 -3.46
O1 PSE G . 1.33 -8.79 -3.80
C3 PSE G . -1.57 -7.69 -2.74
O1P PSE G . -1.68 -7.50 -4.15
O2P PSE G . -3.89 -8.66 -4.28
O3P PSE G . -2.88 -7.53 -6.34
P PSE G . -3.11 -7.56 -4.88
HN21 PSE G . 0.72 -5.62 -1.68
HN22 PSE G . -0.56 -6.17 -0.61
H2 PSE G . 0.12 -8.46 -1.67
H11 PSE G . 0.25 -7.13 -4.32
H12 PSE G . 1.62 -6.83 -3.24
H31 PSE G . -2.17 -6.92 -2.23
H32 PSE G . -1.97 -8.67 -2.48
N2 PSE H . 5.30 -6.80 -5.36
C2 PSE H . 5.23 -7.31 -3.93
C1 PSE H . 6.65 -7.54 -3.40
O1 PSE H . 7.49 -6.41 -3.64
C3 PSE H . 4.45 -8.62 -3.88
O1P PSE H . 3.60 -8.69 -2.73
O2P PSE H . 1.63 -9.50 -1.41
O3P PSE H . 2.60 -10.91 -3.32
P PSE H . 2.26 -9.58 -2.74
HN21 PSE H . 5.52 -7.43 -6.11
HN22 PSE H . 5.11 -5.83 -5.56
H2 PSE H . 4.72 -6.57 -3.29
H11 PSE H . 7.08 -8.41 -3.91
H12 PSE H . 6.60 -7.74 -2.33
H31 PSE H . 3.82 -8.69 -4.78
H32 PSE H . 5.14 -9.46 -3.88
N2 PSE I . -7.43 0.20 11.66
C2 PSE I . -8.44 -0.79 12.22
C1 PSE I . -7.74 -2.11 12.56
O1 PSE I . -7.50 -2.23 13.96
C3 PSE I . -9.53 -1.05 11.19
O1P PSE I . -9.96 0.16 10.54
O2P PSE I . -8.11 0.56 8.90
O3P PSE I . -10.45 1.52 8.50
P PSE I . -9.58 0.43 9.00
HN21 PSE I . -6.79 0.67 12.27
HN22 PSE I . -7.37 0.34 10.66
H2 PSE I . -8.90 -0.38 13.11
H11 PSE I . -8.35 -2.95 12.23
H12 PSE I . -6.78 -2.14 12.04
H31 PSE I . -9.15 -1.74 10.43
H32 PSE I . -10.40 -1.51 11.68
N2 PSE J . -2.35 -3.27 16.06
C2 PSE J . -3.06 -3.44 14.73
C1 PSE J . -2.23 -2.77 13.63
O1 PSE J . -1.27 -3.66 13.07
C3 PSE J . -4.44 -2.82 14.79
O1P PSE J . -5.41 -3.62 14.12
O2P PSE J . -6.99 -3.50 16.07
O3P PSE J . -7.65 -4.72 13.92
P PSE J . -6.96 -3.60 14.59
HN21 PSE J . -2.06 -4.08 16.59
HN22 PSE J . -2.15 -2.34 16.41
H2 PSE J . -3.15 -4.50 14.50
H11 PSE J . -1.71 -1.91 14.06
H12 PSE J . -2.90 -2.43 12.85
H31 PSE J . -4.41 -1.83 14.32
H32 PSE J . -4.74 -2.71 15.83
N2 PSE E . 2.77 7.08 -9.07
C2 PSE E . 2.84 8.57 -9.43
C1 PSE E . 2.83 9.39 -8.14
O1 PSE E . 2.81 10.79 -8.42
C3 PSE E . 1.64 8.94 -10.29
O1P PSE E . 0.42 8.43 -9.75
O2P PSE E . -1.28 9.85 -10.94
O3P PSE E . -0.77 7.46 -11.72
P PSE E . -0.94 8.44 -10.62
HN21 PSE E . 1.89 6.67 -8.80
HN22 PSE E . 3.59 6.51 -9.15
H2 PSE E . 3.76 8.76 -9.97
H11 PSE E . 1.95 9.14 -7.56
H12 PSE E . 3.72 9.15 -7.56
H31 PSE E . 1.58 10.03 -10.35
H32 PSE E . 1.78 8.54 -11.29
N2 PSE F . 7.67 11.72 -6.41
C2 PSE F . 6.39 12.46 -6.01
C1 PSE F . 5.92 11.95 -4.65
O1 PSE F . 6.99 11.42 -3.88
C3 PSE F . 5.31 12.20 -7.05
O1P PSE F . 4.11 11.71 -6.46
O2P PSE F . 2.63 13.22 -7.82
O3P PSE F . 1.62 11.41 -6.30
P PSE F . 2.69 11.86 -7.23
HN21 PSE F . 7.86 11.53 -7.38
HN22 PSE F . 8.36 11.50 -5.71
H2 PSE F . 6.59 13.53 -5.95
H11 PSE F . 5.17 11.16 -4.81
H12 PSE F . 5.46 12.76 -4.10
H31 PSE F . 5.68 11.47 -7.78
H32 PSE F . 5.09 13.13 -7.58
N2 PSE G . -0.20 -10.17 -2.67
C2 PSE G . -0.22 -8.66 -2.84
C1 PSE G . 0.90 -8.03 -2.01
O1 PSE G . 1.47 -6.90 -2.65
C3 PSE G . -1.56 -8.10 -2.39
O1P PSE G . -2.61 -8.41 -3.33
O2P PSE G . -3.67 -8.30 -5.59
O3P PSE G . -1.37 -7.25 -5.17
P PSE G . -2.73 -7.58 -4.69
HN21 PSE G . -0.98 -10.65 -2.23
HN22 PSE G . 0.57 -10.71 -3.04
H2 PSE G . -0.06 -8.40 -3.89
H11 PSE G . 0.49 -7.72 -1.05
H12 PSE G . 1.67 -8.78 -1.84
H31 PSE G . -1.49 -7.02 -2.28
H32 PSE G . -1.82 -8.55 -1.43
N2 PSE H . 5.46 -10.83 -3.39
C2 PSE H . 5.20 -9.42 -3.90
C1 PSE H . 6.43 -8.57 -3.67
O1 PSE H . 6.70 -8.39 -2.28
C3 PSE H . 4.00 -8.81 -3.16
O1P PSE H . 3.73 -7.49 -3.61
O2P PSE H . 1.64 -8.20 -4.79
O3P PSE H . 2.32 -5.73 -4.71
P PSE H . 2.25 -7.06 -4.06
HN21 PSE H . 6.32 -11.04 -2.91
HN22 PSE H . 4.79 -11.57 -3.57
H2 PSE H . 4.98 -9.46 -4.97
H11 PSE H . 6.28 -7.58 -4.13
H12 PSE H . 7.29 -9.04 -4.14
H31 PSE H . 3.12 -9.44 -3.34
H32 PSE H . 4.22 -8.80 -2.10
N2 PSE I . -6.16 0.23 10.47
C2 PSE I . -7.18 -0.33 11.45
C1 PSE I . -6.90 -1.81 11.69
O1 PSE I . -5.51 -2.12 11.50
C3 PSE I . -8.58 -0.16 10.89
O1P PSE I . -9.08 -1.38 10.33
O2P PSE I . -11.43 -0.53 10.31
O3P PSE I . -10.86 -2.83 9.33
P PSE I . -10.49 -1.41 9.58
HN21 PSE I . -5.28 -0.26 10.32
HN22 PSE I . -6.38 1.05 9.93
H2 PSE I . -7.10 0.20 12.40
H11 PSE I . -7.18 -2.07 12.70
H12 PSE I . -7.48 -2.40 10.98
H31 PSE I . -9.24 0.17 11.69
H32 PSE I . -8.56 0.60 10.11
N2 PSE J . -3.92 -3.56 16.62
C2 PSE J . -3.66 -4.13 15.23
C1 PSE J . -2.15 -4.28 15.02
O1 PSE J . -1.48 -3.02 15.07
C3 PSE J . -4.23 -3.17 14.18
O1P PSE J . -5.10 -3.87 13.27
O2P PSE J . -5.92 -4.54 11.00
O3P PSE J . -3.53 -3.65 11.33
P PSE J . -4.96 -3.63 11.68
HN21 PSE J . -4.22 -2.60 16.73
HN22 PSE J . -3.74 -4.12 17.44
H2 PSE J . -4.14 -5.09 15.13
H11 PSE J . -1.97 -4.75 14.05
H12 PSE J . -1.75 -4.93 15.79
H31 PSE J . -3.42 -2.72 13.62
H32 PSE J . -4.80 -2.39 14.68
N2 PSE E . 1.31 10.80 -10.57
C2 PSE E . 2.35 9.73 -10.28
C1 PSE E . 3.59 10.00 -11.14
O1 PSE E . 4.61 10.67 -10.41
C3 PSE E . 1.78 8.35 -10.60
O1P PSE E . 0.55 8.12 -9.90
O2P PSE E . -1.10 9.73 -10.88
O3P PSE E . -0.87 7.36 -11.81
P PSE E . -0.86 8.29 -10.66
HN21 PSE E . 1.55 11.78 -10.54
HN22 PSE E . 0.37 10.53 -10.85
H2 PSE E . 2.63 9.77 -9.23
H11 PSE E . 3.98 9.04 -11.49
H12 PSE E . 3.30 10.60 -12.00
H31 PSE E . 1.60 8.29 -11.68
H32 PSE E . 2.51 7.59 -10.31
N2 PSE F . 8.77 12.35 -7.89
C2 PSE F . 7.40 12.72 -7.31
C1 PSE F . 7.21 11.99 -5.98
O1 PSE F . 8.42 11.34 -5.55
C3 PSE F . 6.31 12.32 -8.28
O1P PSE F . 6.49 10.98 -8.76
O2P PSE F . 4.22 10.24 -7.97
O3P PSE F . 5.71 8.67 -9.37
P PSE F . 5.21 10.04 -9.05
HN21 PSE F . 9.33 13.06 -8.34
HN22 PSE F . 9.10 11.40 -7.82
H2 PSE F . 7.36 13.79 -7.14
H11 PSE F . 6.92 12.71 -5.22
H12 PSE F . 6.43 11.24 -6.09
H31 PSE F . 6.31 13.00 -9.13
H32 PSE F . 5.34 12.38 -7.78
N2 PSE G . -0.79 -10.06 -4.98
C2 PSE G . 0.04 -8.87 -4.53
C1 PSE G . 1.48 -9.30 -4.31
O1 PSE G . 2.09 -9.74 -5.53
C3 PSE G . -0.53 -8.31 -3.23
O1P PSE G . -1.51 -7.30 -3.47
O2P PSE G . -3.56 -8.67 -3.83
O3P PSE G . -2.26 -7.72 -5.82
P PSE G . -2.76 -7.59 -4.43
HN21 PSE G . -0.41 -10.73 -5.63
HN22 PSE G . -1.73 -10.19 -4.63
H2 PSE G . 0.02 -8.10 -5.29
H11 PSE G . 2.05 -8.47 -3.90
H12 PSE G . 1.50 -10.13 -3.59
H31 PSE G . 0.28 -7.89 -2.64
H32 PSE G . -0.99 -9.12 -2.66
N2 PSE H . 5.74 -5.72 -6.47
C2 PSE H . 5.24 -6.67 -5.37
C1 PSE H . 6.44 -7.14 -4.54
O1 PSE H . 7.51 -6.21 -4.58
C3 PSE H . 4.54 -7.86 -6.00
O1P PSE H . 3.16 -7.59 -6.26
O2P PSE H . 2.86 -9.46 -7.89
O3P PSE H . 0.84 -8.15 -7.01
P PSE H . 2.18 -8.74 -6.80
HN21 PSE H . 6.73 -5.57 -6.59
HN22 PSE H . 5.08 -5.30 -7.10
H2 PSE H . 4.55 -6.14 -4.72
H11 PSE H . 6.77 -8.10 -4.94
H12 PSE H . 6.12 -7.27 -3.51
H31 PSE H . 5.04 -8.11 -6.93
H32 PSE H . 4.61 -8.71 -5.32
N2 PSE I . -6.77 0.84 12.27
C2 PSE I . -7.46 -0.47 11.92
C1 PSE I . -6.39 -1.51 11.54
O1 PSE I . -6.58 -2.73 12.26
C3 PSE I . -8.40 -0.25 10.75
O1P PSE I . -8.88 -1.48 10.21
O2P PSE I . -11.26 -0.73 10.39
O3P PSE I . -10.69 -3.03 9.42
P PSE I . -10.36 -1.59 9.60
HN21 PSE I . -7.11 1.71 11.90
HN22 PSE I . -5.98 0.85 12.91
H2 PSE I . -8.01 -0.83 12.78
H11 PSE I . -6.46 -1.72 10.47
H12 PSE I . -5.41 -1.11 11.76
H31 PSE I . -9.26 0.33 11.10
H32 PSE I . -7.89 0.31 9.97
N2 PSE J . -3.16 -3.22 16.26
C2 PSE J . -2.78 -3.56 14.82
C1 PSE J . -1.92 -2.44 14.25
O1 PSE J . -0.90 -2.95 13.39
C3 PSE J . -4.05 -3.71 13.97
O1P PSE J . -4.92 -2.60 14.16
O2P PSE J . -7.19 -1.54 14.38
O3P PSE J . -6.94 -4.09 14.33
P PSE J . -6.50 -2.75 13.87
HN21 PSE J . -4.05 -3.51 16.62
HN22 PSE J . -2.54 -2.66 16.82
H2 PSE J . -2.22 -4.50 14.79
H11 PSE J . -1.45 -1.89 15.07
H12 PSE J . -2.54 -1.76 13.69
H31 PSE J . -4.56 -4.63 14.28
H32 PSE J . -3.76 -3.78 12.92
N2 PSE E . 1.48 7.19 -6.39
C2 PSE E . 2.01 7.15 -7.83
C1 PSE E . 2.33 8.57 -8.29
O1 PSE E . 1.92 9.55 -7.34
C3 PSE E . 0.95 6.53 -8.74
O1P PSE E . -0.13 7.44 -8.97
O2P PSE E . -1.31 6.48 -10.96
O3P PSE E . -2.12 5.95 -8.59
P PSE E . -1.53 6.90 -9.57
HN21 PSE E . 1.42 8.07 -5.90
HN22 PSE E . 1.12 6.36 -5.96
H2 PSE E . 2.91 6.55 -7.86
H11 PSE E . 3.41 8.66 -8.44
H12 PSE E . 1.83 8.77 -9.24
H31 PSE E . 1.41 6.27 -9.69
H32 PSE E . 0.56 5.63 -8.26
N2 PSE F . 4.72 13.41 -5.68
C2 PSE F . 4.76 12.17 -4.79
C1 PSE F . 5.82 12.35 -3.70
O1 PSE F . 7.06 12.80 -4.23
C3 PSE F . 5.11 10.94 -5.62
O1P PSE F . 4.05 10.60 -6.52
O2P PSE F . 1.98 10.69 -5.11
O3P PSE F . 3.21 8.47 -5.48
P PSE F . 2.76 9.79 -5.99
HN21 PSE F . 4.77 14.32 -5.27
HN22 PSE F . 4.63 13.30 -6.67
H2 PSE F . 3.79 12.01 -4.33
H11 PSE F . 5.97 11.40 -3.18
H12 PSE F . 5.45 13.09 -2.97
H31 PSE F . 5.31 10.10 -4.97
H32 PSE F . 6.01 11.15 -6.20
N2 PSE G . -1.14 -9.94 -1.58
C2 PSE G . -0.46 -8.99 -2.55
C1 PSE G . 0.89 -8.58 -1.99
O1 PSE G . 1.87 -9.61 -2.17
C3 PSE G . -1.34 -7.76 -2.76
O1P PSE G . -1.45 -7.41 -4.15
O2P PSE G . -3.65 -8.60 -4.32
O3P PSE G . -2.63 -7.40 -6.36
P PSE G . -2.87 -7.47 -4.90
HN21 PSE G . -1.40 -10.88 -1.88
HN22 PSE G . -1.29 -9.67 -0.62
H2 PSE G . -0.32 -9.49 -3.51
H11 PSE G . 1.24 -7.68 -2.50
H12 PSE G . 0.79 -8.37 -0.92
H31 PSE G . -0.91 -6.91 -2.21
H32 PSE G . -2.34 -7.96 -2.37
N2 PSE H . 5.36 -7.42 -5.34
C2 PSE H . 5.43 -7.42 -3.81
C1 PSE H . 6.89 -7.57 -3.37
O1 PSE H . 7.63 -6.38 -3.61
C3 PSE H . 4.61 -8.59 -3.26
O1P PSE H . 3.39 -8.76 -3.98
O2P PSE H . 3.22 -11.21 -3.53
O3P PSE H . 1.26 -9.93 -4.57
P PSE H . 2.41 -9.98 -3.63
HN21 PSE H . 5.04 -8.25 -5.82
HN22 PSE H . 5.68 -6.62 -5.85
H2 PSE H . 5.03 -6.49 -3.43
H11 PSE H . 7.35 -8.40 -3.93
H12 PSE H . 6.91 -7.82 -2.31
H31 PSE H . 5.20 -9.51 -3.34
H32 PSE H . 4.39 -8.41 -2.22
N2 PSE I . -7.19 -2.37 10.63
C2 PSE I . -7.41 -1.09 11.44
C1 PSE I . -7.52 -1.45 12.91
O1 PSE I . -6.76 -0.57 13.74
C3 PSE I . -8.68 -0.41 10.96
O1P PSE I . -8.52 0.19 9.67
O2P PSE I . -9.37 1.40 7.66
O3P PSE I . -10.92 0.89 9.63
P PSE I . -9.80 0.50 8.75
HN21 PSE I . -7.29 -2.35 9.63
HN22 PSE I . -7.01 -3.25 11.10
H2 PSE I . -6.56 -0.42 11.29
H11 PSE I . -8.57 -1.40 13.21
H12 PSE I . -7.17 -2.47 13.07
H31 PSE I . -9.49 -1.14 10.91
H32 PSE I . -8.95 0.37 11.68
N2 PSE J . -4.98 -4.42 14.33
C2 PSE J . -4.04 -3.22 14.15
C1 PSE J . -2.60 -3.68 14.40
O1 PSE J . -1.72 -2.55 14.57
C3 PSE J . -4.41 -2.13 15.16
O1P PSE J . -5.81 -2.14 15.45
O2P PSE J . -5.89 0.32 15.91
O3P PSE J . -8.04 -1.07 15.82
P PSE J . -6.68 -0.79 15.33
HN21 PSE J . -5.67 -4.62 13.62
HN22 PSE J . -4.87 -5.03 15.12
H2 PSE J . -4.13 -2.83 13.15
H11 PSE J . -2.27 -4.27 13.55
H12 PSE J . -2.57 -4.29 15.30
H31 PSE J . -4.14 -1.17 14.73
H32 PSE J . -3.86 -2.29 16.08
N2 PSE E . 0.64 11.74 -11.37
C2 PSE E . 1.10 10.40 -10.82
C1 PSE E . 2.58 10.19 -11.18
O1 PSE E . 3.33 11.40 -11.04
C3 PSE E . 0.27 9.28 -11.43
O1P PSE E . -1.13 9.52 -11.26
O2P PSE E . -3.53 8.83 -11.03
O3P PSE E . -1.80 7.23 -12.04
P PSE E . -2.15 8.29 -11.07
HN21 PSE E . 0.00 11.78 -12.15
HN22 PSE E . 0.92 12.60 -10.91
H2 PSE E . 0.99 10.38 -9.74
H11 PSE E . 3.00 9.43 -10.52
H12 PSE E . 2.64 9.85 -12.21
H31 PSE E . 0.49 9.20 -12.49
H32 PSE E . 0.53 8.33 -10.94
N2 PSE F . 7.96 11.87 -10.23
C2 PSE F . 6.95 12.26 -9.17
C1 PSE F . 7.66 12.44 -7.83
O1 PSE F . 8.31 11.24 -7.42
C3 PSE F . 5.90 11.17 -9.04
O1P PSE F . 5.59 10.58 -10.31
O2P PSE F . 5.03 10.74 -12.75
O3P PSE F . 5.34 12.86 -11.34
P PSE F . 4.87 11.46 -11.46
HN21 PSE F . 8.81 12.41 -10.34
HN22 PSE F . 7.82 11.04 -10.78
H2 PSE F . 6.46 13.20 -9.44
H11 PSE F . 6.94 12.73 -7.07
H12 PSE F . 8.41 13.23 -7.93
H31 PSE F . 4.98 11.61 -8.62
H32 PSE F . 6.26 10.40 -8.37
N2 PSE G . 1.37 -6.84 -3.78
C2 PSE G . 0.85 -7.93 -2.85
C1 PSE G . 1.85 -9.08 -2.81
O1 PSE G . 2.40 -9.35 -4.10
C3 PSE G . -0.49 -8.45 -3.37
O1P PSE G . -1.44 -7.39 -3.53
O2P PSE G . -3.57 -8.70 -3.69
O3P PSE G . -2.45 -7.77 -5.79
P PSE G . -2.80 -7.63 -4.35
HN21 PSE G . 2.09 -7.05 -4.46
HN22 PSE G . 1.04 -5.89 -3.68
H2 PSE G . 0.71 -7.53 -1.85
H11 PSE G . 2.66 -8.81 -2.12
H12 PSE G . 1.35 -9.98 -2.44
H31 PSE G . -0.89 -9.18 -2.68
H32 PSE G . -0.33 -8.93 -4.34
N2 PSE H . 7.21 -10.43 -2.66
C2 PSE H . 6.87 -9.08 -3.28
C1 PSE H . 6.69 -8.04 -2.18
O1 PSE H . 7.15 -6.75 -2.58
C3 PSE H . 5.58 -9.19 -4.09
O1P PSE H . 4.71 -10.19 -3.54
O2P PSE H . 2.78 -11.79 -3.63
O3P PSE H . 3.69 -10.71 -5.77
P PSE H . 3.37 -10.62 -4.33
HN21 PSE H . 7.53 -10.49 -1.70
HN22 PSE H . 7.11 -11.28 -3.20
H2 PSE H . 7.68 -8.77 -3.94
H11 PSE H . 7.25 -8.36 -1.30
H12 PSE H . 5.64 -7.98 -1.92
H31 PSE H . 5.07 -8.24 -4.09
H32 PSE H . 5.83 -9.47 -5.12
N2 PSE I . -9.78 -2.50 13.43
C2 PSE I . -9.48 -2.77 11.95
C1 PSE I . -7.97 -2.69 11.72
O1 PSE I . -7.39 -1.56 12.37
C3 PSE I . -10.18 -1.72 11.10
O1P PSE I . -10.68 -2.28 9.89
O2P PSE I . -12.11 -0.28 9.41
O3P PSE I . -11.94 -2.21 7.73
P PSE I . -11.32 -1.34 8.75
HN21 PSE I . -10.16 -1.61 13.72
HN22 PSE I . -9.62 -3.22 14.12
H2 PSE I . -9.84 -3.75 11.69
H11 PSE I . -7.50 -3.61 12.11
H12 PSE I . -7.77 -2.62 10.65
H31 PSE I . -11.00 -1.29 11.67
H32 PSE I . -9.47 -0.93 10.85
N2 PSE J . -4.23 -3.80 16.30
C2 PSE J . -4.07 -3.58 14.79
C1 PSE J . -2.67 -3.04 14.51
O1 PSE J . -1.66 -3.88 15.07
C3 PSE J . -5.11 -2.57 14.31
O1P PSE J . -5.09 -2.44 12.88
O2P PSE J . -5.53 -1.27 10.72
O3P PSE J . -5.53 0.02 12.92
P PSE J . -5.83 -1.21 12.16
HN21 PSE J . -3.93 -3.09 16.95
HN22 PSE J . -4.59 -4.68 16.64
H2 PSE J . -4.20 -4.52 14.27
H11 PSE J . -2.58 -2.04 14.94
H12 PSE J . -2.52 -2.98 13.44
H31 PSE J . -4.91 -1.61 14.76
H32 PSE J . -6.10 -2.91 14.61
#